data_6CJJ
#
_entry.id   6CJJ
#
_cell.length_a   74.088
_cell.length_b   74.088
_cell.length_c   107.873
_cell.angle_alpha   90.000
_cell.angle_beta   90.000
_cell.angle_gamma   90.000
#
_symmetry.space_group_name_H-M   'P 43 2 2'
#
loop_
_entity.id
_entity.type
_entity.pdbx_description
1 polymer 'Heat shock protein 90 homolog'
2 non-polymer 'MAGNESIUM ION'
3 non-polymer "ADENOSINE-5'-DIPHOSPHATE"
4 non-polymer 1,2-ETHANEDIOL
5 water water
#
_entity_poly.entity_id   1
_entity_poly.type   'polypeptide(L)'
_entity_poly.pdbx_seq_one_letter_code
;MHHHHHHSSGRENLYFQGETHEFTAEISQLMSLIINTVYSNKEIFLRELISNASDALDKIRYQALSDPSQLESEPELFIR
IIPQKDQKVLEIRDSGIGMTKADLVNNLGTIAKSGTKSFMEALSAGADVSMIGQFGVGFYSLFLVADHVQVISKHNDDEQ
YVWESNAGGKFTVTLDETNERLGRGTMLRLFLKEDQLEYLEEKRIKEVVKKHSEFVAYPIQLVVTKEVEK
;
_entity_poly.pdbx_strand_id   A
#
loop_
_chem_comp.id
_chem_comp.type
_chem_comp.name
_chem_comp.formula
ADP non-polymer ADENOSINE-5'-DIPHOSPHATE 'C10 H15 N5 O10 P2'
EDO non-polymer 1,2-ETHANEDIOL 'C2 H6 O2'
MG non-polymer 'MAGNESIUM ION' 'Mg 2'
#
# COMPACT_ATOMS: atom_id res chain seq x y z
N GLN A 17 6.34 -15.60 -12.69
CA GLN A 17 7.38 -16.63 -12.60
C GLN A 17 8.73 -16.01 -12.29
N GLY A 18 8.80 -15.30 -11.17
CA GLY A 18 10.01 -14.66 -10.74
C GLY A 18 10.60 -13.74 -11.79
N GLU A 19 9.86 -12.71 -12.19
CA GLU A 19 10.39 -11.65 -13.04
C GLU A 19 11.03 -10.58 -12.15
N THR A 20 12.31 -10.27 -12.37
CA THR A 20 13.01 -9.28 -11.56
C THR A 20 13.22 -8.00 -12.34
N HIS A 21 12.98 -6.87 -11.68
CA HIS A 21 13.08 -5.55 -12.27
C HIS A 21 13.91 -4.67 -11.37
N GLU A 22 14.51 -3.65 -11.97
CA GLU A 22 15.28 -2.68 -11.21
C GLU A 22 14.44 -1.42 -11.00
N PHE A 23 14.45 -0.93 -9.76
CA PHE A 23 13.88 0.39 -9.50
C PHE A 23 14.67 1.44 -10.25
N THR A 24 13.99 2.46 -10.76
CA THR A 24 14.68 3.65 -11.24
CA THR A 24 14.70 3.63 -11.25
C THR A 24 15.55 4.21 -10.13
N ALA A 25 16.64 4.87 -10.53
CA ALA A 25 17.56 5.42 -9.53
C ALA A 25 16.85 6.32 -8.53
N GLU A 26 15.92 7.17 -9.00
CA GLU A 26 15.34 8.14 -8.09
C GLU A 26 14.47 7.46 -7.04
N ILE A 27 13.79 6.38 -7.40
CA ILE A 27 12.94 5.70 -6.44
CA ILE A 27 12.94 5.69 -6.44
C ILE A 27 13.80 4.92 -5.43
N SER A 28 14.84 4.25 -5.93
CA SER A 28 15.79 3.63 -5.03
C SER A 28 16.32 4.65 -4.02
N GLN A 29 16.64 5.86 -4.49
CA GLN A 29 17.15 6.90 -3.58
CA GLN A 29 17.14 6.92 -3.60
C GLN A 29 16.09 7.30 -2.56
N LEU A 30 14.84 7.45 -3.00
CA LEU A 30 13.76 7.81 -2.09
C LEU A 30 13.54 6.73 -1.05
N MET A 31 13.54 5.46 -1.48
CA MET A 31 13.31 4.38 -0.53
C MET A 31 14.38 4.36 0.57
N SER A 32 15.64 4.57 0.19
CA SER A 32 16.71 4.57 1.18
C SER A 32 16.49 5.69 2.19
N LEU A 33 16.15 6.89 1.69
CA LEU A 33 15.87 8.02 2.56
C LEU A 33 14.74 7.68 3.54
N ILE A 34 13.65 7.12 3.04
CA ILE A 34 12.49 6.89 3.88
C ILE A 34 12.74 5.78 4.88
N ILE A 35 13.39 4.69 4.46
CA ILE A 35 13.51 3.56 5.38
CA ILE A 35 13.57 3.53 5.34
C ILE A 35 14.41 3.89 6.55
N ASN A 36 15.31 4.86 6.39
CA ASN A 36 16.26 5.25 7.43
C ASN A 36 15.87 6.50 8.21
N THR A 37 14.86 7.24 7.78
CA THR A 37 14.55 8.50 8.45
C THR A 37 14.04 8.26 9.87
N VAL A 38 14.41 9.16 10.77
CA VAL A 38 13.92 9.11 12.15
C VAL A 38 12.74 10.07 12.35
N TYR A 39 12.12 10.52 11.26
CA TYR A 39 10.89 11.30 11.32
C TYR A 39 9.96 10.76 12.39
N SER A 40 9.31 11.66 13.11
CA SER A 40 8.58 11.29 14.33
C SER A 40 7.14 10.81 14.08
N ASN A 41 6.54 11.19 12.96
CA ASN A 41 5.11 10.94 12.75
CA ASN A 41 5.11 10.97 12.72
C ASN A 41 4.91 9.85 11.70
N LYS A 42 5.50 8.68 11.95
CA LYS A 42 5.46 7.58 10.99
C LYS A 42 4.04 7.12 10.68
N GLU A 43 3.08 7.42 11.54
CA GLU A 43 1.72 6.93 11.38
C GLU A 43 1.05 7.44 10.12
N ILE A 44 1.58 8.50 9.49
CA ILE A 44 0.95 8.96 8.26
C ILE A 44 1.07 7.95 7.13
N PHE A 45 1.86 6.89 7.27
CA PHE A 45 1.89 5.86 6.23
C PHE A 45 0.47 5.34 5.98
N LEU A 46 -0.30 5.18 7.05
CA LEU A 46 -1.61 4.55 6.90
C LEU A 46 -2.56 5.46 6.15
N ARG A 47 -2.47 6.77 6.39
CA ARG A 47 -3.25 7.73 5.63
C ARG A 47 -2.92 7.61 4.14
N GLU A 48 -1.64 7.49 3.79
CA GLU A 48 -1.27 7.44 2.39
C GLU A 48 -1.79 6.16 1.74
N LEU A 49 -1.75 5.03 2.46
CA LEU A 49 -2.18 3.80 1.85
C LEU A 49 -3.70 3.74 1.75
N ILE A 50 -4.41 4.31 2.73
CA ILE A 50 -5.86 4.41 2.62
C ILE A 50 -6.23 5.34 1.48
N SER A 51 -5.47 6.40 1.27
CA SER A 51 -5.73 7.29 0.14
CA SER A 51 -5.72 7.29 0.14
C SER A 51 -5.56 6.58 -1.20
N ASN A 52 -4.52 5.75 -1.31
CA ASN A 52 -4.34 4.99 -2.55
C ASN A 52 -5.49 4.01 -2.76
N ALA A 53 -5.97 3.41 -1.67
CA ALA A 53 -7.10 2.48 -1.76
C ALA A 53 -8.33 3.22 -2.23
N SER A 54 -8.59 4.38 -1.63
CA SER A 54 -9.73 5.20 -2.01
C SER A 54 -9.65 5.60 -3.47
N ASP A 55 -8.46 6.05 -3.91
CA ASP A 55 -8.29 6.42 -5.32
C ASP A 55 -8.60 5.25 -6.24
N ALA A 56 -8.15 4.04 -5.88
CA ALA A 56 -8.40 2.88 -6.71
C ALA A 56 -9.88 2.51 -6.74
N LEU A 57 -10.57 2.71 -5.61
CA LEU A 57 -12.01 2.52 -5.57
C LEU A 57 -12.73 3.57 -6.43
N ASP A 58 -12.25 4.82 -6.41
CA ASP A 58 -12.82 5.85 -7.27
C ASP A 58 -12.75 5.42 -8.74
N LYS A 59 -11.64 4.80 -9.13
CA LYS A 59 -11.46 4.44 -10.54
C LYS A 59 -12.39 3.31 -10.98
N ILE A 60 -12.55 2.25 -10.18
CA ILE A 60 -13.52 1.23 -10.56
C ILE A 60 -14.94 1.78 -10.49
N ARG A 61 -15.23 2.64 -9.51
CA ARG A 61 -16.56 3.25 -9.47
C ARG A 61 -16.81 4.07 -10.74
N TYR A 62 -15.80 4.83 -11.17
CA TYR A 62 -15.90 5.58 -12.43
C TYR A 62 -16.22 4.65 -13.59
N GLN A 63 -15.46 3.55 -13.72
CA GLN A 63 -15.72 2.62 -14.81
C GLN A 63 -17.11 2.03 -14.70
N ALA A 64 -17.53 1.72 -13.46
CA ALA A 64 -18.80 1.05 -13.24
C ALA A 64 -19.98 1.95 -13.50
N LEU A 65 -19.78 3.27 -13.48
CA LEU A 65 -20.91 4.15 -13.77
C LEU A 65 -21.37 3.96 -15.21
N SER A 66 -20.42 3.77 -16.13
CA SER A 66 -20.77 3.50 -17.52
CA SER A 66 -20.73 3.49 -17.53
C SER A 66 -20.99 2.02 -17.77
N ASP A 67 -20.21 1.14 -17.14
CA ASP A 67 -20.32 -0.30 -17.36
C ASP A 67 -20.43 -1.01 -16.03
N PRO A 68 -21.65 -1.17 -15.50
CA PRO A 68 -21.80 -1.81 -14.19
C PRO A 68 -21.24 -3.21 -14.11
N SER A 69 -21.09 -3.93 -15.22
CA SER A 69 -20.57 -5.28 -15.12
C SER A 69 -19.14 -5.30 -14.60
N GLN A 70 -18.44 -4.16 -14.62
CA GLN A 70 -17.06 -4.15 -14.13
C GLN A 70 -16.98 -4.46 -12.65
N LEU A 71 -18.08 -4.34 -11.91
CA LEU A 71 -18.11 -4.66 -10.49
C LEU A 71 -18.34 -6.13 -10.20
N GLU A 72 -18.74 -6.92 -11.19
CA GLU A 72 -19.15 -8.29 -10.89
C GLU A 72 -18.02 -9.13 -10.29
N SER A 73 -16.77 -8.75 -10.56
CA SER A 73 -15.63 -9.47 -10.00
C SER A 73 -15.53 -9.32 -8.49
N GLU A 74 -16.15 -8.31 -7.93
CA GLU A 74 -16.28 -8.07 -6.50
C GLU A 74 -17.28 -6.93 -6.31
N PRO A 75 -18.55 -7.26 -6.04
CA PRO A 75 -19.59 -6.22 -6.05
C PRO A 75 -19.43 -5.18 -4.98
N GLU A 76 -18.73 -5.48 -3.89
CA GLU A 76 -18.66 -4.56 -2.77
C GLU A 76 -17.42 -3.68 -2.88
N LEU A 77 -17.57 -2.42 -2.49
CA LEU A 77 -16.51 -1.42 -2.49
C LEU A 77 -16.09 -1.14 -1.06
N PHE A 78 -14.87 -1.54 -0.71
CA PHE A 78 -14.45 -1.47 0.68
C PHE A 78 -12.93 -1.33 0.78
N ILE A 79 -12.51 -0.83 1.93
CA ILE A 79 -11.13 -0.83 2.39
C ILE A 79 -11.11 -1.68 3.66
N ARG A 80 -10.13 -2.57 3.78
CA ARG A 80 -10.13 -3.53 4.89
C ARG A 80 -8.71 -3.65 5.42
N ILE A 81 -8.57 -3.49 6.74
CA ILE A 81 -7.27 -3.52 7.42
C ILE A 81 -7.25 -4.79 8.25
N ILE A 82 -6.22 -5.62 8.02
CA ILE A 82 -6.15 -6.97 8.59
C ILE A 82 -4.79 -7.13 9.26
N PRO A 83 -4.70 -6.90 10.56
CA PRO A 83 -3.48 -7.23 11.28
C PRO A 83 -3.27 -8.73 11.32
N GLN A 84 -2.02 -9.14 11.16
CA GLN A 84 -1.60 -10.55 11.22
C GLN A 84 -0.53 -10.61 12.31
N LYS A 85 -0.96 -10.71 13.56
CA LYS A 85 -0.05 -10.47 14.66
C LYS A 85 1.09 -11.47 14.67
N ASP A 86 0.75 -12.75 14.46
CA ASP A 86 1.77 -13.80 14.56
C ASP A 86 2.86 -13.58 13.51
N GLN A 87 2.48 -13.11 12.31
CA GLN A 87 3.42 -12.85 11.23
CA GLN A 87 3.47 -12.87 11.26
C GLN A 87 4.10 -11.47 11.34
N LYS A 88 3.68 -10.64 12.28
CA LYS A 88 4.14 -9.24 12.35
C LYS A 88 3.91 -8.53 11.00
N VAL A 89 2.74 -8.76 10.44
CA VAL A 89 2.34 -8.21 9.14
C VAL A 89 1.05 -7.41 9.31
N LEU A 90 0.97 -6.28 8.62
CA LEU A 90 -0.26 -5.51 8.52
C LEU A 90 -0.69 -5.49 7.06
N GLU A 91 -1.92 -5.96 6.80
CA GLU A 91 -2.47 -6.01 5.45
C GLU A 91 -3.46 -4.88 5.27
N ILE A 92 -3.39 -4.22 4.12
CA ILE A 92 -4.34 -3.18 3.74
C ILE A 92 -4.90 -3.55 2.39
N ARG A 93 -6.19 -3.88 2.37
CA ARG A 93 -6.86 -4.42 1.19
CA ARG A 93 -6.89 -4.44 1.21
C ARG A 93 -7.94 -3.47 0.71
N ASP A 94 -8.07 -3.37 -0.62
CA ASP A 94 -9.16 -2.62 -1.21
C ASP A 94 -9.74 -3.44 -2.34
N SER A 95 -10.99 -3.15 -2.67
CA SER A 95 -11.65 -3.72 -3.85
C SER A 95 -11.72 -2.72 -4.99
N GLY A 96 -10.68 -1.91 -5.14
CA GLY A 96 -10.57 -0.96 -6.22
C GLY A 96 -10.24 -1.61 -7.56
N ILE A 97 -9.75 -0.77 -8.47
CA ILE A 97 -9.59 -1.19 -9.87
C ILE A 97 -8.51 -2.25 -10.01
N GLY A 98 -7.53 -2.27 -9.11
CA GLY A 98 -6.46 -3.23 -9.19
C GLY A 98 -5.43 -2.80 -10.24
N MET A 99 -4.40 -3.64 -10.37
CA MET A 99 -3.29 -3.41 -11.27
C MET A 99 -2.99 -4.70 -12.02
N THR A 100 -2.88 -4.59 -13.35
CA THR A 100 -2.36 -5.70 -14.16
C THR A 100 -0.87 -5.90 -13.87
N LYS A 101 -0.33 -7.00 -14.40
CA LYS A 101 1.12 -7.19 -14.28
C LYS A 101 1.87 -5.95 -14.80
N ALA A 102 1.48 -5.46 -15.97
CA ALA A 102 2.15 -4.31 -16.54
C ALA A 102 1.98 -3.06 -15.69
N ASP A 103 0.81 -2.89 -15.08
CA ASP A 103 0.58 -1.77 -14.16
C ASP A 103 1.53 -1.85 -12.97
N LEU A 104 1.71 -3.04 -12.41
CA LEU A 104 2.58 -3.18 -11.26
C LEU A 104 4.00 -2.78 -11.63
N VAL A 105 4.49 -3.31 -12.75
CA VAL A 105 5.85 -3.02 -13.20
C VAL A 105 5.99 -1.53 -13.48
N ASN A 106 5.01 -0.93 -14.14
CA ASN A 106 5.14 0.45 -14.56
CA ASN A 106 5.05 0.47 -14.58
C ASN A 106 4.86 1.43 -13.41
N ASN A 107 3.82 1.18 -12.60
CA ASN A 107 3.40 2.16 -11.60
C ASN A 107 4.20 2.10 -10.30
N LEU A 108 4.82 0.96 -10.00
CA LEU A 108 5.54 0.75 -8.74
C LEU A 108 7.02 0.45 -8.93
N GLY A 109 7.70 1.23 -9.76
CA GLY A 109 9.15 1.21 -9.62
C GLY A 109 9.99 1.56 -10.83
N THR A 110 9.55 1.19 -12.03
CA THR A 110 10.39 1.32 -13.20
C THR A 110 10.29 2.68 -13.89
N ILE A 111 9.17 3.36 -13.81
CA ILE A 111 9.03 4.62 -14.54
C ILE A 111 9.38 5.77 -13.62
N ALA A 112 10.16 6.70 -14.14
CA ALA A 112 10.41 7.96 -13.44
C ALA A 112 9.10 8.62 -13.06
N LYS A 113 8.93 8.88 -11.77
CA LYS A 113 7.71 9.50 -11.27
C LYS A 113 7.96 10.99 -11.08
N SER A 114 7.09 11.82 -11.64
CA SER A 114 7.19 13.26 -11.45
C SER A 114 6.96 13.58 -9.98
N GLY A 115 7.92 14.24 -9.37
CA GLY A 115 7.83 14.61 -7.97
C GLY A 115 8.82 13.90 -7.07
N THR A 116 9.47 12.84 -7.55
CA THR A 116 10.38 12.09 -6.68
C THR A 116 11.59 12.93 -6.28
N LYS A 117 12.28 13.52 -7.26
CA LYS A 117 13.43 14.35 -6.93
C LYS A 117 12.98 15.61 -6.21
N SER A 118 11.82 16.16 -6.62
CA SER A 118 11.29 17.36 -5.99
C SER A 118 11.00 17.11 -4.52
N PHE A 119 10.43 15.94 -4.20
CA PHE A 119 10.16 15.64 -2.80
C PHE A 119 11.45 15.52 -2.01
N MET A 120 12.47 14.87 -2.60
CA MET A 120 13.74 14.72 -1.89
C MET A 120 14.40 16.08 -1.68
N GLU A 121 14.27 16.98 -2.65
CA GLU A 121 14.77 18.34 -2.47
C GLU A 121 13.97 19.09 -1.41
N ALA A 122 12.65 18.88 -1.38
CA ALA A 122 11.84 19.51 -0.34
C ALA A 122 12.29 19.04 1.04
N LEU A 123 12.58 17.74 1.18
CA LEU A 123 13.03 17.21 2.46
C LEU A 123 14.33 17.89 2.89
N SER A 124 15.29 18.02 1.97
CA SER A 124 16.54 18.70 2.30
C SER A 124 16.30 20.13 2.76
N ALA A 125 15.25 20.77 2.25
CA ALA A 125 14.95 22.14 2.59
C ALA A 125 14.14 22.29 3.88
N GLY A 126 13.76 21.18 4.53
CA GLY A 126 13.04 21.22 5.79
C GLY A 126 11.66 20.64 5.72
N ALA A 127 11.23 20.14 4.58
CA ALA A 127 9.86 19.69 4.44
C ALA A 127 9.53 18.58 5.44
N ASP A 128 8.29 18.59 5.91
CA ASP A 128 7.78 17.49 6.70
C ASP A 128 7.45 16.29 5.81
N VAL A 129 7.84 15.10 6.27
CA VAL A 129 7.63 13.88 5.49
C VAL A 129 6.17 13.65 5.14
N SER A 130 5.25 14.17 5.96
CA SER A 130 3.82 14.05 5.66
C SER A 130 3.45 14.66 4.31
N MET A 131 4.30 15.54 3.76
CA MET A 131 4.01 16.13 2.46
CA MET A 131 4.13 16.15 2.45
C MET A 131 4.24 15.15 1.30
N ILE A 132 4.65 13.91 1.60
CA ILE A 132 5.07 12.99 0.56
C ILE A 132 3.96 12.76 -0.46
N GLY A 133 2.71 12.75 0.00
CA GLY A 133 1.61 12.47 -0.92
C GLY A 133 1.42 13.57 -1.94
N GLN A 134 1.65 14.82 -1.54
CA GLN A 134 1.52 15.95 -2.45
CA GLN A 134 1.49 15.94 -2.46
C GLN A 134 2.44 15.85 -3.65
N PHE A 135 3.51 15.08 -3.54
CA PHE A 135 4.47 14.89 -4.62
C PHE A 135 4.24 13.61 -5.41
N GLY A 136 3.15 12.89 -5.15
CA GLY A 136 2.86 11.71 -5.93
C GLY A 136 3.73 10.50 -5.66
N VAL A 137 4.22 10.33 -4.44
CA VAL A 137 5.04 9.17 -4.11
C VAL A 137 4.67 8.66 -2.73
N GLY A 138 3.41 8.88 -2.34
CA GLY A 138 2.95 8.50 -1.02
C GLY A 138 3.05 7.01 -0.73
N PHE A 139 3.03 6.17 -1.78
CA PHE A 139 3.14 4.72 -1.59
C PHE A 139 4.38 4.37 -0.79
N TYR A 140 5.48 5.06 -1.05
CA TYR A 140 6.74 4.71 -0.43
C TYR A 140 6.83 5.10 1.04
N SER A 141 5.84 5.85 1.56
CA SER A 141 5.76 6.08 2.98
C SER A 141 5.63 4.79 3.78
N LEU A 142 5.25 3.68 3.14
CA LEU A 142 5.14 2.43 3.89
C LEU A 142 6.48 2.03 4.49
N PHE A 143 7.59 2.46 3.89
CA PHE A 143 8.89 2.11 4.42
C PHE A 143 9.23 2.84 5.70
N LEU A 144 8.40 3.80 6.13
CA LEU A 144 8.53 4.33 7.48
C LEU A 144 8.36 3.26 8.54
N VAL A 145 7.49 2.27 8.29
CA VAL A 145 7.11 1.31 9.31
C VAL A 145 7.42 -0.14 8.92
N ALA A 146 7.75 -0.41 7.67
CA ALA A 146 7.98 -1.75 7.19
C ALA A 146 9.32 -1.82 6.47
N ASP A 147 9.99 -2.96 6.55
CA ASP A 147 11.22 -3.12 5.80
C ASP A 147 11.06 -4.08 4.64
N HIS A 148 9.86 -4.58 4.40
CA HIS A 148 9.60 -5.52 3.32
C HIS A 148 8.11 -5.38 2.99
N VAL A 149 7.75 -5.52 1.72
CA VAL A 149 6.36 -5.36 1.34
C VAL A 149 6.04 -6.26 0.15
N GLN A 150 4.83 -6.85 0.17
CA GLN A 150 4.24 -7.49 -0.99
C GLN A 150 3.00 -6.71 -1.39
N VAL A 151 2.82 -6.54 -2.70
CA VAL A 151 1.62 -5.91 -3.24
C VAL A 151 0.95 -6.96 -4.12
N ILE A 152 -0.19 -7.46 -3.65
CA ILE A 152 -1.01 -8.44 -4.35
C ILE A 152 -2.09 -7.67 -5.09
N SER A 153 -2.27 -7.93 -6.39
CA SER A 153 -3.25 -7.16 -7.12
C SER A 153 -3.93 -7.96 -8.21
N LYS A 154 -5.21 -7.67 -8.41
CA LYS A 154 -6.06 -8.32 -9.41
C LYS A 154 -6.90 -7.25 -10.10
N HIS A 155 -6.66 -7.08 -11.40
CA HIS A 155 -7.39 -6.18 -12.27
C HIS A 155 -8.29 -7.02 -13.17
N ASN A 156 -9.44 -6.48 -13.58
CA ASN A 156 -10.35 -7.25 -14.42
C ASN A 156 -9.68 -7.72 -15.72
N ASP A 157 -8.67 -7.03 -16.19
CA ASP A 157 -8.04 -7.37 -17.45
C ASP A 157 -6.92 -8.41 -17.32
N ASP A 158 -6.59 -8.90 -16.13
CA ASP A 158 -5.40 -9.76 -16.00
C ASP A 158 -5.58 -10.75 -14.85
N GLU A 159 -4.60 -11.64 -14.73
CA GLU A 159 -4.53 -12.58 -13.62
C GLU A 159 -4.04 -11.86 -12.37
N GLN A 160 -4.15 -12.54 -11.22
CA GLN A 160 -3.63 -11.99 -9.98
C GLN A 160 -2.12 -12.13 -9.94
N TYR A 161 -1.44 -11.06 -9.54
CA TYR A 161 0.01 -11.00 -9.46
C TYR A 161 0.46 -10.48 -8.12
N VAL A 162 1.72 -10.80 -7.78
CA VAL A 162 2.37 -10.31 -6.56
CA VAL A 162 2.36 -10.31 -6.56
C VAL A 162 3.64 -9.58 -6.94
N TRP A 163 3.72 -8.32 -6.52
CA TRP A 163 4.92 -7.48 -6.59
C TRP A 163 5.59 -7.49 -5.23
N GLU A 164 6.91 -7.60 -5.20
CA GLU A 164 7.58 -7.75 -3.92
C GLU A 164 8.88 -6.95 -3.88
N SER A 165 9.11 -6.27 -2.75
CA SER A 165 10.29 -5.44 -2.58
C SER A 165 10.85 -5.59 -1.18
N ASN A 166 12.18 -5.72 -1.09
CA ASN A 166 12.87 -5.84 0.19
C ASN A 166 13.56 -4.53 0.58
N ALA A 167 13.16 -3.41 0.00
CA ALA A 167 13.70 -2.08 0.22
C ALA A 167 14.97 -1.83 -0.60
N GLY A 168 15.51 -2.84 -1.28
CA GLY A 168 16.71 -2.68 -2.08
C GLY A 168 16.43 -2.05 -3.43
N GLY A 169 17.36 -2.28 -4.35
CA GLY A 169 17.23 -1.72 -5.68
C GLY A 169 16.43 -2.55 -6.65
N LYS A 170 15.93 -3.71 -6.25
CA LYS A 170 15.17 -4.56 -7.15
C LYS A 170 13.83 -4.97 -6.56
N PHE A 171 12.88 -5.27 -7.45
CA PHE A 171 11.61 -5.84 -7.06
C PHE A 171 11.28 -6.98 -8.00
N THR A 172 10.36 -7.85 -7.57
CA THR A 172 9.92 -8.94 -8.42
C THR A 172 8.43 -8.85 -8.68
N VAL A 173 8.00 -9.42 -9.80
CA VAL A 173 6.59 -9.59 -10.12
C VAL A 173 6.39 -11.04 -10.53
N THR A 174 5.46 -11.72 -9.85
CA THR A 174 5.23 -13.15 -10.01
C THR A 174 3.73 -13.42 -10.12
N LEU A 175 3.35 -14.30 -11.04
CA LEU A 175 1.98 -14.80 -11.06
C LEU A 175 1.61 -15.36 -9.69
N ASP A 176 0.46 -14.93 -9.17
CA ASP A 176 0.11 -15.24 -7.79
C ASP A 176 -0.53 -16.62 -7.73
N GLU A 177 0.21 -17.58 -7.18
CA GLU A 177 -0.29 -18.94 -6.99
C GLU A 177 -0.24 -19.34 -5.52
N THR A 178 -0.15 -18.36 -4.61
CA THR A 178 -0.01 -18.64 -3.18
C THR A 178 -0.88 -17.80 -2.26
N ASN A 179 -1.54 -16.74 -2.71
CA ASN A 179 -2.37 -15.92 -1.82
C ASN A 179 -3.86 -16.10 -2.08
N GLU A 180 -4.67 -15.69 -1.10
CA GLU A 180 -6.11 -15.69 -1.29
CA GLU A 180 -6.11 -15.70 -1.28
C GLU A 180 -6.49 -14.91 -2.54
N ARG A 181 -7.51 -15.38 -3.25
CA ARG A 181 -8.00 -14.64 -4.41
C ARG A 181 -8.66 -13.35 -3.93
N LEU A 182 -8.31 -12.23 -4.58
CA LEU A 182 -8.90 -10.95 -4.23
C LEU A 182 -10.22 -10.68 -4.92
N GLY A 183 -10.47 -11.33 -6.06
CA GLY A 183 -11.68 -11.05 -6.82
C GLY A 183 -11.40 -9.86 -7.71
N ARG A 184 -11.13 -8.73 -7.07
CA ARG A 184 -10.66 -7.52 -7.73
C ARG A 184 -10.10 -6.60 -6.65
N GLY A 185 -8.99 -5.94 -6.95
CA GLY A 185 -8.41 -4.97 -6.05
C GLY A 185 -6.97 -5.25 -5.71
N THR A 186 -6.53 -4.72 -4.57
CA THR A 186 -5.13 -4.72 -4.19
C THR A 186 -5.03 -4.97 -2.71
N MET A 187 -4.03 -5.75 -2.31
CA MET A 187 -3.69 -5.90 -0.90
CA MET A 187 -3.69 -5.92 -0.90
C MET A 187 -2.21 -5.66 -0.71
N LEU A 188 -1.89 -4.68 0.12
CA LEU A 188 -0.52 -4.45 0.57
C LEU A 188 -0.29 -5.30 1.81
N ARG A 189 0.82 -6.02 1.83
CA ARG A 189 1.26 -6.80 2.97
CA ARG A 189 1.26 -6.80 2.97
C ARG A 189 2.55 -6.17 3.50
N LEU A 190 2.45 -5.50 4.64
CA LEU A 190 3.56 -4.76 5.23
C LEU A 190 4.22 -5.61 6.30
N PHE A 191 5.50 -5.90 6.10
CA PHE A 191 6.27 -6.64 7.10
C PHE A 191 6.87 -5.60 8.03
N LEU A 192 6.25 -5.42 9.18
CA LEU A 192 6.56 -4.30 10.06
C LEU A 192 7.93 -4.45 10.68
N LYS A 193 8.60 -3.31 10.84
CA LYS A 193 9.84 -3.25 11.60
C LYS A 193 9.56 -3.61 13.05
N GLU A 194 10.60 -4.12 13.73
CA GLU A 194 10.38 -4.66 15.07
CA GLU A 194 10.39 -4.66 15.08
C GLU A 194 9.95 -3.59 16.07
N ASP A 195 10.29 -2.32 15.83
CA ASP A 195 9.86 -1.28 16.74
C ASP A 195 8.56 -0.60 16.31
N GLN A 196 7.88 -1.15 15.31
CA GLN A 196 6.65 -0.53 14.79
C GLN A 196 5.45 -1.47 14.94
N LEU A 197 5.48 -2.39 15.90
CA LEU A 197 4.41 -3.37 16.05
C LEU A 197 3.15 -2.78 16.67
N GLU A 198 3.18 -1.52 17.10
CA GLU A 198 1.96 -0.89 17.58
C GLU A 198 0.88 -0.85 16.49
N TYR A 199 1.25 -0.89 15.21
CA TYR A 199 0.27 -0.81 14.14
C TYR A 199 -0.42 -2.14 13.88
N LEU A 200 -0.16 -3.16 14.70
CA LEU A 200 -0.97 -4.37 14.72
C LEU A 200 -2.12 -4.31 15.71
N GLU A 201 -2.18 -3.27 16.55
CA GLU A 201 -3.13 -3.20 17.65
CA GLU A 201 -3.13 -3.20 17.65
C GLU A 201 -4.41 -2.49 17.22
N GLU A 202 -5.54 -3.10 17.56
CA GLU A 202 -6.85 -2.54 17.23
C GLU A 202 -6.97 -1.08 17.67
N LYS A 203 -6.64 -0.79 18.93
CA LYS A 203 -6.81 0.56 19.45
C LYS A 203 -5.97 1.55 18.66
N ARG A 204 -4.71 1.21 18.38
CA ARG A 204 -3.83 2.11 17.64
C ARG A 204 -4.32 2.33 16.22
N ILE A 205 -4.72 1.26 15.53
CA ILE A 205 -5.21 1.42 14.16
C ILE A 205 -6.41 2.34 14.15
N LYS A 206 -7.36 2.14 15.07
CA LYS A 206 -8.55 2.99 15.12
C LYS A 206 -8.15 4.45 15.28
N GLU A 207 -7.20 4.73 16.17
CA GLU A 207 -6.74 6.10 16.43
C GLU A 207 -6.24 6.76 15.17
N VAL A 208 -5.38 6.06 14.43
CA VAL A 208 -4.75 6.63 13.25
C VAL A 208 -5.78 6.83 12.15
N VAL A 209 -6.69 5.88 11.98
CA VAL A 209 -7.73 6.01 10.97
C VAL A 209 -8.60 7.21 11.28
N LYS A 210 -9.04 7.34 12.53
CA LYS A 210 -9.95 8.43 12.86
C LYS A 210 -9.26 9.79 12.78
N LYS A 211 -7.97 9.83 13.10
CA LYS A 211 -7.25 11.10 13.06
C LYS A 211 -7.00 11.57 11.62
N HIS A 212 -6.52 10.66 10.76
CA HIS A 212 -5.99 11.04 9.46
C HIS A 212 -6.89 10.68 8.29
N SER A 213 -7.87 9.82 8.48
CA SER A 213 -8.71 9.33 7.38
C SER A 213 -10.18 9.51 7.71
N GLU A 214 -10.50 10.68 8.28
CA GLU A 214 -11.87 10.99 8.67
C GLU A 214 -12.81 11.03 7.48
N PHE A 215 -12.35 11.55 6.36
CA PHE A 215 -13.22 11.81 5.20
C PHE A 215 -12.85 10.84 4.08
N VAL A 216 -13.45 9.66 4.12
CA VAL A 216 -13.26 8.63 3.11
C VAL A 216 -14.64 8.13 2.68
N ALA A 217 -14.84 7.96 1.37
CA ALA A 217 -16.16 7.67 0.83
C ALA A 217 -16.56 6.21 0.96
N TYR A 218 -15.63 5.34 1.37
CA TYR A 218 -15.85 3.91 1.39
C TYR A 218 -15.68 3.40 2.82
N PRO A 219 -16.39 2.33 3.19
CA PRO A 219 -16.21 1.81 4.55
C PRO A 219 -14.77 1.33 4.74
N ILE A 220 -14.24 1.65 5.91
CA ILE A 220 -12.93 1.18 6.34
C ILE A 220 -13.20 0.12 7.40
N GLN A 221 -12.95 -1.14 7.05
CA GLN A 221 -13.24 -2.29 7.90
C GLN A 221 -11.95 -2.72 8.60
N LEU A 222 -12.07 -3.03 9.89
CA LEU A 222 -10.94 -3.49 10.67
C LEU A 222 -11.24 -4.92 11.11
N VAL A 223 -10.31 -5.82 10.85
CA VAL A 223 -10.53 -7.23 11.14
C VAL A 223 -9.80 -7.52 12.42
N VAL A 224 -10.54 -7.94 13.45
CA VAL A 224 -9.94 -8.16 14.76
C VAL A 224 -10.17 -9.60 15.18
N THR A 225 -9.11 -10.23 15.69
CA THR A 225 -9.12 -11.63 16.11
C THR A 225 -9.13 -11.70 17.64
N LYS A 226 -10.17 -12.32 18.21
CA LYS A 226 -10.34 -12.45 19.66
C LYS A 226 -10.62 -13.90 20.04
N GLU A 227 -10.06 -14.35 21.15
CA GLU A 227 -10.35 -15.68 21.66
CA GLU A 227 -10.35 -15.68 21.67
C GLU A 227 -11.75 -15.73 22.27
N VAL A 228 -12.45 -16.84 22.05
CA VAL A 228 -13.72 -17.11 22.71
C VAL A 228 -13.41 -17.80 24.02
N GLU A 229 -13.83 -17.23 25.14
CA GLU A 229 -13.46 -17.79 26.43
C GLU A 229 -14.65 -17.72 27.37
N LYS A 230 -14.44 -18.22 28.59
CA LYS A 230 -15.40 -18.09 29.69
C LYS A 230 -16.76 -18.67 29.32
MG MG B . -0.90 7.87 -3.37
MG MG C . -11.45 -3.71 -17.65
PB ADP D . -0.15 8.70 -6.25
O1B ADP D . -0.28 8.33 -7.70
O2B ADP D . 0.04 10.19 -5.97
O3B ADP D . -1.20 8.05 -5.37
PA ADP D . 1.58 6.78 -4.94
O1A ADP D . 0.79 6.84 -3.67
O2A ADP D . 3.07 6.59 -4.85
O3A ADP D . 1.30 8.08 -5.88
O5' ADP D . 1.03 5.58 -5.86
C5' ADP D . 1.74 5.27 -7.05
C4' ADP D . 0.81 4.55 -8.03
O4' ADP D . 0.67 3.18 -7.63
C3' ADP D . -0.63 5.08 -8.12
O3' ADP D . -0.81 6.23 -8.96
C2' ADP D . -1.36 3.86 -8.66
O2' ADP D . -1.22 3.77 -10.09
C1' ADP D . -0.63 2.71 -8.00
N9 ADP D . -1.31 2.24 -6.77
C8 ADP D . -0.86 2.40 -5.49
N7 ADP D . -1.72 1.80 -4.62
C5 ADP D . -2.71 1.26 -5.36
C6 ADP D . -3.94 0.51 -5.08
N6 ADP D . -4.26 0.24 -3.81
N1 ADP D . -4.70 0.12 -6.13
C2 ADP D . -4.39 0.42 -7.40
N3 ADP D . -3.28 1.11 -7.74
C4 ADP D . -2.43 1.54 -6.77
H5'1 ADP D . 2.11 6.20 -7.51
H5'2 ADP D . 2.59 4.63 -6.82
H4' ADP D . 1.26 4.60 -9.03
H3' ADP D . -0.99 5.28 -7.10
HO3' ADP D . -1.75 6.48 -8.95
H2' ADP D . -2.41 3.88 -8.35
HO2' ADP D . -1.61 4.55 -10.50
H1' ADP D . -0.54 1.88 -8.72
H8 ADP D . 0.05 2.92 -5.22
HN61 ADP D . -3.66 0.54 -3.06
HN62 ADP D . -5.09 -0.29 -3.60
H2 ADP D . -5.05 0.07 -8.19
C1 EDO E . -12.94 7.42 10.14
O1 EDO E . -13.73 8.59 10.38
C2 EDO E . -13.51 6.67 8.95
O2 EDO E . -13.41 7.47 7.76
H11 EDO E . -11.90 7.71 9.93
H12 EDO E . -12.95 6.78 11.02
HO1 EDO E . -13.38 9.07 11.13
H21 EDO E . -14.56 6.43 9.14
H22 EDO E . -12.97 5.74 8.81
HO2 EDO E . -13.78 6.99 7.00
C1 EDO F . -8.79 9.90 0.94
O1 EDO F . -7.73 10.43 0.14
C2 EDO F . -8.97 10.75 2.19
O2 EDO F . -7.78 10.75 3.00
H11 EDO F . -8.57 8.87 1.22
H12 EDO F . -9.72 9.91 0.35
HO1 EDO F . -7.61 9.90 -0.65
H21 EDO F . -9.80 10.36 2.78
H22 EDO F . -9.22 11.77 1.90
HO2 EDO F . -7.93 11.30 3.79
C1 EDO G . -5.84 -13.13 12.39
O1 EDO G . -4.42 -13.29 12.56
C2 EDO G . -6.27 -13.41 10.95
O2 EDO G . -7.18 -12.39 10.50
H11 EDO G . -6.12 -12.11 12.66
H12 EDO G . -6.37 -13.81 13.06
HO1 EDO G . -4.18 -13.12 13.47
H21 EDO G . -6.76 -14.38 10.89
H22 EDO G . -5.39 -13.43 10.30
HO2 EDO G . -7.45 -12.58 9.59
#